data_1I34
#
_entry.id   1I34
#
_cell.length_a   1.000
_cell.length_b   1.000
_cell.length_c   1.000
_cell.angle_alpha   90.00
_cell.angle_beta   90.00
_cell.angle_gamma   90.00
#
_symmetry.space_group_name_H-M   'P 1'
#
_entity_poly.entity_id   1
_entity_poly.type   'polydeoxyribonucleotide'
_entity_poly.pdbx_seq_one_letter_code
;(DG)(DG)(DT)(DT)(DT)(DT)(DG)(DG)(DC)(DA)(DG)(DG)(DG)(DT)(DT)(DT)(DT)(DG)(DG)(DT)
;
_entity_poly.pdbx_strand_id   A
#
loop_
_chem_comp.id
_chem_comp.type
_chem_comp.name
_chem_comp.formula
DA DNA linking 2'-DEOXYADENOSINE-5'-MONOPHOSPHATE 'C10 H14 N5 O6 P'
DC DNA linking 2'-DEOXYCYTIDINE-5'-MONOPHOSPHATE 'C9 H14 N3 O7 P'
DG DNA linking 2'-DEOXYGUANOSINE-5'-MONOPHOSPHATE 'C10 H14 N5 O7 P'
DT DNA linking THYMIDINE-5'-MONOPHOSPHATE 'C10 H15 N2 O8 P'
#